data_1QYG
#
_entry.id   1QYG
#
_cell.length_a   75.170
_cell.length_b   75.170
_cell.length_c   151.276
_cell.angle_alpha   90.00
_cell.angle_beta   90.00
_cell.angle_gamma   120.00
#
_symmetry.space_group_name_H-M   'P 31 2 1'
#
loop_
_entity.id
_entity.type
_entity.pdbx_description
1 polymer 'FAB M82G2, LIGHT CHAIN'
2 polymer 'FAB M82G2, HEAVY CHAIN'
3 non-polymer '3-(BENZOYLOXY)-8-METHYL-8-AZABICYCLO[3.2.1]OCTANE-2-CARBOXYLIC ACID'
4 water water
#
loop_
_entity_poly.entity_id
_entity_poly.type
_entity_poly.pdbx_seq_one_letter_code
_entity_poly.pdbx_strand_id
1 'polypeptide(L)'
;DIVMTQAAPSVPVTPGESVSISCRSSKSLLHSNGYTYLHWFLQRPGQSPQLLIYRVSNLASGVPDRFSGSGSGTAFTLRF
SRVEAEDVGVYYCMQHLEYPFTFGSGTKLEIKRADAAPTVSIFPPSSEQLTSGGASVVCFLNNFYPQDITVSWKIDGAER
SSGVLNSWTDQDSSDSTYSMSSTLTLTKDEYERHSSYTCEATHKTSTSPITKSFNRGE
;
L
2 'polypeptide(L)'
;EVTLQESGGGLVQPGGSMKLSCAASGFTFSDAWVDWVRQSPGKGLEWVAEIRNKANNHATKYTESVKGRFTISRDDSKSS
VYLQMNSLRAEDTGIYYCTSVPQLGRGFAYWGQGTLVTVSAASTTPPSVYPLAPGSGGASTSGSMVTLGCLVKGYFPEPV
TVTWNSGALSSGVHTFPAVLQSDLYTLSSSVTVPSSTWPSQTVTCNVAHPASSTQVDKKIVPK
;
H
#
loop_
_chem_comp.id
_chem_comp.type
_chem_comp.name
_chem_comp.formula
BCG non-polymer '3-(BENZOYLOXY)-8-METHYL-8-AZABICYCLO[3.2.1]OCTANE-2-CARBOXYLIC ACID' 'C16 H19 N O4'
#
# COMPACT_ATOMS: atom_id res chain seq x y z
N ASP A 1 7.48 -23.68 -15.15
CA ASP A 1 8.00 -22.38 -14.57
C ASP A 1 8.83 -22.73 -13.36
N ILE A 2 9.83 -21.89 -13.05
CA ILE A 2 10.57 -22.20 -11.78
C ILE A 2 9.72 -21.68 -10.57
N VAL A 3 9.62 -22.46 -9.50
CA VAL A 3 8.84 -22.05 -8.41
C VAL A 3 9.76 -21.55 -7.28
N MET A 4 9.45 -20.32 -6.79
CA MET A 4 10.26 -19.72 -5.70
C MET A 4 9.38 -19.83 -4.43
N THR A 5 9.93 -20.40 -3.37
CA THR A 5 9.18 -20.59 -2.18
C THR A 5 9.81 -19.84 -1.04
N GLN A 6 8.99 -19.06 -0.33
CA GLN A 6 9.46 -18.33 0.90
C GLN A 6 8.45 -18.89 1.90
N ALA A 7 8.90 -19.89 2.64
CA ALA A 7 8.04 -20.59 3.64
C ALA A 7 7.42 -19.52 4.59
N ALA A 8 8.23 -18.89 5.42
CA ALA A 8 7.70 -17.90 6.35
C ALA A 8 6.90 -16.75 5.69
N PRO A 9 5.61 -16.63 6.05
CA PRO A 9 4.84 -15.52 5.47
C PRO A 9 5.27 -14.23 6.18
N SER A 10 5.85 -14.36 7.40
CA SER A 10 6.34 -13.21 8.12
C SER A 10 7.38 -13.68 9.17
N VAL A 11 8.15 -12.73 9.68
CA VAL A 11 9.08 -13.17 10.71
C VAL A 11 9.12 -12.02 11.71
N PRO A 12 8.89 -12.30 13.02
CA PRO A 12 8.92 -11.24 14.06
C PRO A 12 10.35 -11.04 14.58
N VAL A 13 10.75 -9.82 14.76
CA VAL A 13 12.14 -9.51 15.13
C VAL A 13 12.23 -8.31 16.02
N THR A 14 13.17 -8.26 16.99
CA THR A 14 13.26 -7.10 17.85
C THR A 14 14.43 -6.22 17.33
N PRO A 15 14.26 -4.91 17.26
CA PRO A 15 15.32 -4.04 16.77
C PRO A 15 16.65 -4.34 17.53
N GLY A 16 17.79 -4.29 16.80
CA GLY A 16 19.14 -4.59 17.35
C GLY A 16 19.51 -6.06 17.14
N GLU A 17 18.56 -6.98 16.93
CA GLU A 17 19.05 -8.36 16.76
C GLU A 17 19.28 -8.78 15.31
N SER A 18 19.97 -9.90 15.15
CA SER A 18 20.30 -10.34 13.77
C SER A 18 19.12 -11.20 13.33
N VAL A 19 18.84 -11.32 12.04
CA VAL A 19 17.75 -12.24 11.62
C VAL A 19 17.99 -12.74 10.20
N SER A 20 17.45 -13.92 9.86
CA SER A 20 17.55 -14.37 8.50
C SER A 20 16.17 -14.74 7.91
N ILE A 21 16.13 -14.64 6.57
CA ILE A 21 14.94 -14.99 5.78
C ILE A 21 15.42 -15.96 4.73
N SER A 22 14.65 -17.04 4.57
CA SER A 22 15.03 -18.05 3.59
C SER A 22 14.14 -18.13 2.33
N CYS A 23 14.74 -18.58 1.25
CA CYS A 23 14.02 -18.74 -0.04
C CYS A 23 14.55 -19.97 -0.71
N ARG A 24 13.71 -20.75 -1.41
CA ARG A 24 14.21 -21.95 -2.11
C ARG A 24 13.65 -21.92 -3.53
N SER A 25 14.44 -22.45 -4.49
CA SER A 25 13.95 -22.49 -5.85
C SER A 25 13.70 -23.94 -6.18
N SER A 26 12.94 -24.17 -7.19
CA SER A 26 12.59 -25.56 -7.58
C SER A 26 13.59 -26.13 -8.58
N LYS A 27 14.52 -25.27 -9.04
CA LYS A 27 15.52 -25.65 -9.99
C LYS A 27 16.75 -24.90 -9.52
N SER A 28 17.94 -25.44 -9.79
CA SER A 28 19.18 -24.70 -9.50
C SER A 28 19.16 -23.38 -10.32
N LEU A 29 19.58 -22.26 -9.71
CA LEU A 29 19.58 -20.95 -10.41
C LEU A 29 21.01 -20.67 -10.94
N LEU A 30 21.86 -21.68 -10.92
CA LEU A 30 23.18 -21.53 -11.48
C LEU A 30 23.21 -21.54 -13.02
N HIS A 31 23.69 -20.46 -13.64
CA HIS A 31 23.70 -20.35 -15.13
C HIS A 31 25.02 -20.92 -15.67
N SER A 32 25.01 -21.23 -16.99
CA SER A 32 26.17 -21.79 -17.66
C SER A 32 27.29 -20.84 -17.59
N ASN A 33 26.99 -19.54 -17.56
CA ASN A 33 28.01 -18.58 -17.47
C ASN A 33 28.68 -18.52 -16.09
N GLY A 34 28.18 -19.33 -15.18
CA GLY A 34 28.76 -19.37 -13.84
C GLY A 34 28.15 -18.50 -12.74
N TYR A 35 27.23 -17.62 -13.13
CA TYR A 35 26.56 -16.78 -12.18
C TYR A 35 25.27 -17.46 -11.69
N THR A 36 24.80 -17.09 -10.51
CA THR A 36 23.61 -17.67 -9.88
C THR A 36 22.60 -16.51 -9.84
N TYR A 37 21.52 -16.75 -10.57
CA TYR A 37 20.57 -15.66 -10.76
C TYR A 37 19.44 -15.61 -9.73
N LEU A 38 19.83 -15.16 -8.52
CA LEU A 38 18.81 -15.10 -7.46
C LEU A 38 18.98 -13.66 -6.90
N HIS A 39 17.91 -12.84 -6.85
CA HIS A 39 18.05 -11.49 -6.30
C HIS A 39 17.04 -11.31 -5.18
N TRP A 40 17.31 -10.29 -4.33
CA TRP A 40 16.39 -10.05 -3.21
C TRP A 40 15.90 -8.58 -3.36
N PHE A 41 14.62 -8.40 -3.02
CA PHE A 41 13.99 -7.09 -3.06
C PHE A 41 13.26 -6.79 -1.83
N LEU A 42 13.17 -5.49 -1.55
CA LEU A 42 12.36 -4.98 -0.38
C LEU A 42 11.18 -4.20 -0.96
N GLN A 43 9.95 -4.34 -0.41
CA GLN A 43 8.89 -3.45 -0.84
C GLN A 43 8.31 -2.89 0.46
N ARG A 44 8.63 -1.62 0.71
CA ARG A 44 8.03 -1.03 1.91
C ARG A 44 6.60 -0.74 1.63
N PRO A 45 5.82 -0.67 2.70
CA PRO A 45 4.40 -0.37 2.48
C PRO A 45 4.10 0.85 1.59
N GLY A 46 3.25 0.69 0.56
CA GLY A 46 2.89 1.84 -0.31
C GLY A 46 3.99 2.35 -1.30
N GLN A 47 5.12 1.66 -1.38
CA GLN A 47 6.18 2.08 -2.30
C GLN A 47 6.46 0.93 -3.32
N SER A 48 7.26 1.24 -4.26
CA SER A 48 7.67 0.26 -5.32
C SER A 48 8.71 -0.67 -4.69
N PRO A 49 8.95 -1.81 -5.31
CA PRO A 49 9.97 -2.72 -4.81
C PRO A 49 11.30 -1.99 -5.11
N GLN A 50 12.36 -2.44 -4.40
CA GLN A 50 13.69 -1.81 -4.64
C GLN A 50 14.68 -3.00 -4.40
N LEU A 51 15.70 -3.01 -5.28
CA LEU A 51 16.65 -4.14 -5.21
C LEU A 51 17.50 -4.03 -3.97
N LEU A 52 17.67 -5.11 -3.25
CA LEU A 52 18.61 -5.13 -2.08
C LEU A 52 19.88 -5.86 -2.46
N ILE A 53 19.71 -7.04 -3.01
CA ILE A 53 20.91 -7.91 -3.29
C ILE A 53 20.76 -8.53 -4.61
N TYR A 54 21.79 -8.44 -5.46
CA TYR A 54 21.70 -9.10 -6.76
C TYR A 54 22.71 -10.28 -6.80
N ARG A 55 22.32 -11.35 -7.48
CA ARG A 55 23.15 -12.54 -7.64
C ARG A 55 23.70 -13.07 -6.32
N VAL A 56 22.75 -13.34 -5.45
CA VAL A 56 23.00 -14.00 -4.15
C VAL A 56 23.60 -13.18 -3.03
N SER A 57 24.72 -12.50 -3.32
CA SER A 57 25.42 -11.82 -2.26
C SER A 57 25.94 -10.45 -2.56
N ASN A 58 25.50 -9.84 -3.66
CA ASN A 58 26.11 -8.56 -3.96
C ASN A 58 25.21 -7.47 -3.52
N LEU A 59 25.62 -6.64 -2.58
CA LEU A 59 24.67 -5.58 -2.21
C LEU A 59 24.52 -4.52 -3.31
N ALA A 60 23.28 -4.08 -3.56
CA ALA A 60 23.04 -3.03 -4.50
C ALA A 60 23.45 -1.67 -3.93
N SER A 61 23.53 -0.70 -4.87
CA SER A 61 23.94 0.65 -4.47
C SER A 61 22.97 1.25 -3.49
N GLY A 62 23.52 1.88 -2.45
CA GLY A 62 22.68 2.53 -1.50
C GLY A 62 22.08 1.63 -0.49
N VAL A 63 22.29 0.30 -0.61
CA VAL A 63 21.66 -0.58 0.39
C VAL A 63 22.57 -0.54 1.67
N PRO A 64 21.94 -0.55 2.87
CA PRO A 64 22.66 -0.54 4.16
C PRO A 64 23.55 -1.78 4.30
N ASP A 65 24.75 -1.56 4.91
CA ASP A 65 25.72 -2.62 5.17
C ASP A 65 25.11 -3.75 6.00
N ARG A 66 24.11 -3.44 6.77
CA ARG A 66 23.49 -4.53 7.59
C ARG A 66 22.89 -5.74 6.83
N PHE A 67 22.67 -5.59 5.51
CA PHE A 67 22.16 -6.70 4.71
C PHE A 67 23.27 -7.59 4.17
N SER A 68 23.01 -8.88 4.01
CA SER A 68 24.00 -9.78 3.33
C SER A 68 23.21 -10.92 2.76
N GLY A 69 23.76 -11.61 1.78
CA GLY A 69 22.93 -12.75 1.30
C GLY A 69 23.92 -13.94 1.15
N SER A 70 23.38 -15.15 1.13
CA SER A 70 24.20 -16.35 0.89
C SER A 70 23.36 -17.35 0.20
N GLY A 71 24.04 -18.45 -0.18
CA GLY A 71 23.23 -19.52 -0.69
C GLY A 71 23.79 -20.13 -1.92
N SER A 72 23.20 -21.22 -2.38
CA SER A 72 23.67 -21.76 -3.67
C SER A 72 22.67 -22.78 -4.09
N GLY A 73 22.73 -23.06 -5.39
CA GLY A 73 21.80 -24.00 -5.98
C GLY A 73 20.34 -23.62 -5.83
N THR A 74 19.69 -24.23 -4.85
CA THR A 74 18.31 -24.04 -4.66
C THR A 74 17.97 -23.50 -3.30
N ALA A 75 18.95 -23.05 -2.52
CA ALA A 75 18.64 -22.54 -1.20
C ALA A 75 19.39 -21.26 -0.90
N PHE A 76 18.68 -20.23 -0.40
CA PHE A 76 19.28 -18.89 -0.21
C PHE A 76 18.80 -18.28 1.05
N THR A 77 19.59 -17.34 1.58
CA THR A 77 19.25 -16.70 2.82
C THR A 77 19.60 -15.23 2.74
N LEU A 78 18.66 -14.37 3.14
CA LEU A 78 18.92 -12.95 3.30
C LEU A 78 19.09 -12.69 4.83
N ARG A 79 20.14 -12.02 5.24
CA ARG A 79 20.36 -11.81 6.69
C ARG A 79 20.50 -10.36 6.98
N PHE A 80 20.02 -10.00 8.18
CA PHE A 80 20.18 -8.65 8.65
C PHE A 80 21.17 -8.78 9.88
N SER A 81 22.27 -8.00 9.93
CA SER A 81 23.19 -8.15 11.08
C SER A 81 22.53 -7.52 12.31
N ARG A 82 21.80 -6.43 12.10
CA ARG A 82 21.08 -5.80 13.25
C ARG A 82 19.85 -5.19 12.59
N VAL A 83 18.66 -5.59 13.00
CA VAL A 83 17.42 -5.01 12.43
C VAL A 83 17.14 -3.65 13.00
N GLU A 84 16.41 -2.84 12.23
CA GLU A 84 16.07 -1.48 12.66
C GLU A 84 14.48 -1.46 12.42
N ALA A 85 13.82 -0.64 13.22
CA ALA A 85 12.35 -0.50 13.15
C ALA A 85 11.97 -0.08 11.74
N GLU A 86 12.85 0.70 11.03
CA GLU A 86 12.46 1.15 9.67
C GLU A 86 12.57 0.03 8.65
N ASP A 87 12.97 -1.17 9.08
CA ASP A 87 13.10 -2.30 8.11
C ASP A 87 11.78 -2.98 7.82
N VAL A 88 10.69 -2.52 8.46
CA VAL A 88 9.38 -3.13 8.15
C VAL A 88 9.06 -3.09 6.65
N GLY A 89 8.52 -4.18 6.13
CA GLY A 89 8.22 -4.27 4.70
C GLY A 89 8.20 -5.76 4.35
N VAL A 90 8.05 -6.05 3.07
CA VAL A 90 7.96 -7.40 2.57
C VAL A 90 9.23 -7.65 1.78
N TYR A 91 9.86 -8.82 2.05
CA TYR A 91 11.10 -9.12 1.36
C TYR A 91 10.85 -10.23 0.38
N TYR A 92 11.23 -10.00 -0.88
CA TYR A 92 10.97 -11.04 -1.92
C TYR A 92 12.29 -11.56 -2.53
N CYS A 93 12.33 -12.86 -2.85
CA CYS A 93 13.45 -13.35 -3.65
C CYS A 93 12.83 -13.52 -5.03
N MET A 94 13.72 -13.47 -6.03
CA MET A 94 13.27 -13.64 -7.44
C MET A 94 14.31 -14.48 -8.22
N GLN A 95 13.87 -15.40 -9.09
CA GLN A 95 14.87 -16.06 -9.96
C GLN A 95 14.86 -15.26 -11.26
N HIS A 96 16.10 -14.99 -11.82
CA HIS A 96 16.26 -14.21 -13.01
C HIS A 96 17.10 -15.19 -13.96
N LEU A 97 16.86 -16.50 -13.89
CA LEU A 97 17.54 -17.43 -14.76
C LEU A 97 16.79 -17.72 -16.02
N GLU A 98 15.49 -17.99 -15.92
CA GLU A 98 14.76 -18.40 -17.11
C GLU A 98 13.45 -17.64 -17.15
N TYR A 99 12.88 -17.58 -18.38
CA TYR A 99 11.53 -16.92 -18.50
C TYR A 99 10.44 -17.97 -18.30
N PRO A 100 9.29 -17.65 -17.64
CA PRO A 100 9.07 -16.30 -17.11
C PRO A 100 9.89 -16.08 -15.80
N PHE A 101 10.41 -14.86 -15.58
CA PHE A 101 11.07 -14.63 -14.24
C PHE A 101 9.98 -14.85 -13.18
N THR A 102 10.32 -15.36 -12.03
CA THR A 102 9.31 -15.64 -11.00
C THR A 102 9.78 -15.20 -9.63
N PHE A 103 8.83 -14.69 -8.86
CA PHE A 103 9.15 -14.18 -7.49
C PHE A 103 8.57 -15.10 -6.39
N GLY A 104 9.24 -15.15 -5.27
CA GLY A 104 8.70 -15.87 -4.10
C GLY A 104 7.45 -15.04 -3.61
N SER A 105 6.65 -15.62 -2.67
CA SER A 105 5.46 -14.90 -2.21
C SER A 105 5.78 -13.77 -1.20
N GLY A 106 7.07 -13.70 -0.80
CA GLY A 106 7.52 -12.66 0.12
C GLY A 106 7.41 -13.04 1.61
N THR A 107 8.25 -12.41 2.43
CA THR A 107 8.19 -12.63 3.86
C THR A 107 8.12 -11.25 4.45
N LYS A 108 7.09 -10.98 5.26
CA LYS A 108 6.92 -9.69 5.87
C LYS A 108 7.73 -9.64 7.19
N LEU A 109 8.59 -8.62 7.35
CA LEU A 109 9.30 -8.46 8.55
C LEU A 109 8.36 -7.67 9.53
N GLU A 110 8.14 -8.23 10.73
CA GLU A 110 7.29 -7.59 11.70
C GLU A 110 8.20 -7.25 12.91
N ILE A 111 8.18 -5.99 13.34
CA ILE A 111 9.05 -5.54 14.41
C ILE A 111 8.33 -5.80 15.70
N LYS A 112 9.00 -6.42 16.68
CA LYS A 112 8.33 -6.62 17.92
C LYS A 112 8.66 -5.39 18.83
N ARG A 113 7.70 -4.96 19.64
CA ARG A 113 7.88 -3.83 20.55
C ARG A 113 7.00 -4.15 21.79
N ALA A 114 7.00 -3.22 22.77
CA ALA A 114 6.23 -3.36 23.98
C ALA A 114 4.74 -3.25 23.65
N ASP A 115 3.87 -3.90 24.43
CA ASP A 115 2.50 -3.74 24.11
C ASP A 115 2.03 -2.30 24.29
N ALA A 116 1.07 -1.87 23.47
CA ALA A 116 0.55 -0.51 23.54
C ALA A 116 -0.96 -0.54 23.33
N ALA A 117 -1.79 0.07 24.21
CA ALA A 117 -3.26 -0.02 24.05
C ALA A 117 -3.67 0.95 22.97
N PRO A 118 -4.79 0.72 22.28
CA PRO A 118 -5.25 1.64 21.26
C PRO A 118 -5.74 2.95 21.84
N THR A 119 -5.60 4.04 21.08
CA THR A 119 -6.17 5.36 21.47
C THR A 119 -7.41 5.29 20.63
N VAL A 120 -8.52 5.20 21.30
CA VAL A 120 -9.78 5.02 20.57
C VAL A 120 -10.61 6.32 20.50
N SER A 121 -11.06 6.69 19.34
CA SER A 121 -11.80 7.97 19.14
C SER A 121 -13.03 7.67 18.34
N ILE A 122 -14.18 8.22 18.74
CA ILE A 122 -15.32 7.99 17.99
C ILE A 122 -15.81 9.32 17.57
N PHE A 123 -16.44 9.33 16.42
CA PHE A 123 -17.02 10.50 15.75
C PHE A 123 -18.39 10.40 15.27
N PRO A 124 -19.24 11.24 15.85
CA PRO A 124 -20.61 11.25 15.39
C PRO A 124 -20.67 11.72 13.92
N PRO A 125 -21.73 11.37 13.20
CA PRO A 125 -21.76 11.83 11.83
C PRO A 125 -21.60 13.33 11.72
N SER A 126 -20.82 13.79 10.74
CA SER A 126 -20.74 15.23 10.62
C SER A 126 -22.06 15.85 10.18
N SER A 127 -22.37 17.02 10.72
CA SER A 127 -23.63 17.68 10.30
C SER A 127 -23.66 17.79 8.74
N GLU A 128 -22.49 17.98 8.14
CA GLU A 128 -22.50 18.13 6.67
C GLU A 128 -22.97 16.82 6.03
N GLN A 129 -22.54 15.69 6.63
CA GLN A 129 -22.96 14.42 6.07
C GLN A 129 -24.48 14.20 6.26
N LEU A 130 -25.00 14.59 7.41
CA LEU A 130 -26.43 14.39 7.74
C LEU A 130 -27.35 15.12 6.80
N THR A 131 -26.96 16.34 6.44
CA THR A 131 -27.82 17.10 5.54
C THR A 131 -27.90 16.39 4.19
N SER A 132 -26.89 15.58 3.90
CA SER A 132 -26.83 14.78 2.64
C SER A 132 -27.48 13.39 2.77
N GLY A 133 -28.12 13.10 3.90
CA GLY A 133 -28.83 11.81 4.10
C GLY A 133 -27.98 10.63 4.58
N GLY A 134 -26.73 10.98 4.97
CA GLY A 134 -25.77 10.00 5.39
C GLY A 134 -25.45 10.08 6.84
N ALA A 135 -25.13 8.92 7.41
CA ALA A 135 -24.83 8.94 8.79
C ALA A 135 -23.67 7.96 9.09
N SER A 136 -22.48 8.17 8.53
CA SER A 136 -21.42 7.24 8.93
C SER A 136 -20.82 7.62 10.29
N VAL A 137 -20.69 6.67 11.19
CA VAL A 137 -20.07 6.87 12.47
C VAL A 137 -18.65 6.27 12.38
N VAL A 138 -17.65 7.10 12.60
CA VAL A 138 -16.29 6.60 12.43
C VAL A 138 -15.61 6.37 13.79
N CYS A 139 -14.81 5.32 13.88
CA CYS A 139 -14.08 4.98 15.04
C CYS A 139 -12.60 4.65 14.60
N PHE A 140 -11.64 5.38 15.14
CA PHE A 140 -10.22 5.12 14.97
C PHE A 140 -9.73 4.41 16.21
N LEU A 141 -9.00 3.29 16.00
CA LEU A 141 -8.34 2.56 17.09
C LEU A 141 -6.87 2.74 16.69
N ASN A 142 -6.15 3.66 17.30
CA ASN A 142 -4.80 3.96 16.79
C ASN A 142 -3.61 3.59 17.66
N ASN A 143 -2.48 3.40 16.96
CA ASN A 143 -1.17 3.22 17.54
C ASN A 143 -1.09 2.11 18.67
N PHE A 144 -1.53 0.94 18.31
CA PHE A 144 -1.56 -0.13 19.31
C PHE A 144 -0.60 -1.26 18.90
N TYR A 145 -0.33 -2.16 19.84
CA TYR A 145 0.52 -3.32 19.54
C TYR A 145 0.18 -4.30 20.66
N PRO A 146 0.10 -5.60 20.34
CA PRO A 146 0.31 -6.28 19.04
C PRO A 146 -0.79 -6.01 17.99
N GLN A 147 -0.62 -6.61 16.82
CA GLN A 147 -1.51 -6.19 15.70
C GLN A 147 -2.94 -6.60 15.66
N ASP A 148 -3.30 -7.65 16.39
CA ASP A 148 -4.69 -8.09 16.41
C ASP A 148 -5.60 -7.29 17.34
N ILE A 149 -6.75 -6.90 16.81
CA ILE A 149 -7.74 -6.21 17.63
C ILE A 149 -9.15 -6.58 17.20
N THR A 150 -10.13 -6.42 18.07
CA THR A 150 -11.51 -6.73 17.64
C THR A 150 -12.42 -5.54 17.92
N VAL A 151 -13.33 -5.30 16.98
CA VAL A 151 -14.22 -4.17 17.14
C VAL A 151 -15.61 -4.63 17.01
N SER A 152 -16.40 -4.15 17.94
CA SER A 152 -17.81 -4.41 18.03
C SER A 152 -18.57 -3.10 18.03
N TRP A 153 -19.65 -3.02 17.33
CA TRP A 153 -20.40 -1.79 17.37
C TRP A 153 -21.74 -2.10 18.05
N LYS A 154 -22.21 -1.17 18.87
CA LYS A 154 -23.51 -1.32 19.49
C LYS A 154 -24.30 -0.08 19.33
N ILE A 155 -25.57 -0.29 18.97
CA ILE A 155 -26.56 0.73 18.79
C ILE A 155 -27.67 0.45 19.87
N ASP A 156 -27.71 1.32 20.91
CA ASP A 156 -28.62 1.28 22.08
C ASP A 156 -28.40 -0.09 22.62
N GLY A 157 -27.14 -0.36 22.99
CA GLY A 157 -26.73 -1.65 23.50
C GLY A 157 -26.84 -2.84 22.55
N ALA A 158 -27.52 -2.83 21.40
CA ALA A 158 -27.57 -4.07 20.60
C ALA A 158 -26.39 -4.15 19.62
N GLU A 159 -25.77 -5.31 19.50
CA GLU A 159 -24.67 -5.41 18.53
C GLU A 159 -25.09 -5.30 17.09
N ARG A 160 -24.29 -4.56 16.34
CA ARG A 160 -24.55 -4.41 14.93
C ARG A 160 -23.34 -4.96 14.13
N SER A 161 -23.61 -5.79 13.12
CA SER A 161 -22.53 -6.38 12.33
C SER A 161 -22.54 -5.96 10.86
N SER A 162 -23.71 -5.71 10.26
CA SER A 162 -23.68 -5.38 8.85
C SER A 162 -23.51 -3.89 8.68
N GLY A 163 -22.83 -3.53 7.61
CA GLY A 163 -22.66 -2.11 7.30
C GLY A 163 -21.42 -1.61 8.04
N VAL A 164 -20.52 -2.50 8.43
CA VAL A 164 -19.31 -2.04 9.15
C VAL A 164 -18.20 -2.18 8.15
N LEU A 165 -17.40 -1.09 7.98
CA LEU A 165 -16.27 -1.11 6.96
C LEU A 165 -14.97 -0.98 7.81
N ASN A 166 -14.07 -1.99 7.73
CA ASN A 166 -12.88 -2.00 8.53
C ASN A 166 -11.64 -1.90 7.62
N SER A 167 -10.64 -1.17 8.08
CA SER A 167 -9.42 -0.97 7.26
C SER A 167 -8.25 -0.93 8.33
N TRP A 168 -7.06 -1.43 7.94
CA TRP A 168 -5.90 -1.50 8.84
C TRP A 168 -4.66 -0.89 8.16
N THR A 169 -3.83 -0.27 8.94
CA THR A 169 -2.62 0.24 8.34
C THR A 169 -1.53 -0.81 8.48
N ASP A 170 -0.51 -0.70 7.59
CA ASP A 170 0.65 -1.54 7.77
C ASP A 170 1.42 -1.13 9.03
N GLN A 171 2.35 -1.96 9.50
CA GLN A 171 3.07 -1.60 10.74
C GLN A 171 3.85 -0.26 10.53
N ASP A 172 3.79 0.64 11.54
CA ASP A 172 4.46 1.94 11.41
C ASP A 172 6.01 1.79 11.36
N SER A 173 6.67 2.47 10.42
CA SER A 173 8.12 2.34 10.30
C SER A 173 8.91 3.05 11.43
N SER A 174 8.26 3.94 12.18
CA SER A 174 9.00 4.65 13.25
C SER A 174 8.70 4.11 14.62
N ASP A 175 7.41 3.91 14.91
CA ASP A 175 7.06 3.41 16.26
C ASP A 175 6.55 1.97 16.36
N SER A 176 6.61 1.25 15.22
CA SER A 176 6.17 -0.17 15.19
C SER A 176 4.77 -0.43 15.69
N THR A 177 3.84 0.55 15.62
CA THR A 177 2.50 0.23 16.05
C THR A 177 1.62 -0.04 14.82
N TYR A 178 0.34 -0.35 15.09
CA TYR A 178 -0.68 -0.62 14.06
C TYR A 178 -1.85 0.30 14.41
N SER A 179 -2.68 0.62 13.37
CA SER A 179 -3.92 1.43 13.60
C SER A 179 -5.04 0.81 12.76
N MET A 180 -6.27 1.04 13.17
CA MET A 180 -7.41 0.51 12.44
C MET A 180 -8.51 1.60 12.34
N SER A 181 -9.31 1.61 11.27
CA SER A 181 -10.43 2.53 11.14
C SER A 181 -11.65 1.59 11.05
N SER A 182 -12.77 1.91 11.71
CA SER A 182 -13.97 1.04 11.61
C SER A 182 -15.13 2.04 11.42
N THR A 183 -15.87 1.91 10.32
CA THR A 183 -16.95 2.88 10.08
C THR A 183 -18.28 2.17 10.04
N LEU A 184 -19.20 2.62 10.89
CA LEU A 184 -20.54 2.03 10.88
C LEU A 184 -21.31 2.86 9.85
N THR A 185 -21.80 2.22 8.82
CA THR A 185 -22.47 2.97 7.74
C THR A 185 -23.97 2.90 7.97
N LEU A 186 -24.61 4.05 8.22
CA LEU A 186 -26.07 4.08 8.46
C LEU A 186 -26.68 5.13 7.52
N THR A 187 -27.99 5.06 7.22
CA THR A 187 -28.60 6.19 6.50
C THR A 187 -29.01 7.16 7.59
N LYS A 188 -29.37 8.40 7.21
CA LYS A 188 -29.80 9.37 8.23
C LYS A 188 -31.06 8.84 8.93
N ASP A 189 -32.01 8.27 8.15
CA ASP A 189 -33.24 7.73 8.76
C ASP A 189 -32.90 6.73 9.84
N GLU A 190 -32.08 5.69 9.49
CA GLU A 190 -31.66 4.69 10.49
C GLU A 190 -30.93 5.34 11.66
N TYR A 191 -30.06 6.33 11.39
CA TYR A 191 -29.31 6.96 12.47
C TYR A 191 -30.28 7.51 13.55
N GLU A 192 -31.30 8.22 13.09
CA GLU A 192 -32.25 8.80 14.05
C GLU A 192 -33.18 7.86 14.88
N ARG A 193 -33.38 6.62 14.43
CA ARG A 193 -34.18 5.62 15.16
C ARG A 193 -33.53 5.21 16.47
N HIS A 194 -32.30 5.65 16.74
CA HIS A 194 -31.65 5.22 17.98
C HIS A 194 -30.84 6.33 18.56
N SER A 195 -30.25 6.11 19.73
CA SER A 195 -29.48 7.17 20.38
C SER A 195 -28.07 6.82 20.90
N SER A 196 -27.83 5.58 21.32
CA SER A 196 -26.51 5.16 21.85
C SER A 196 -25.59 4.52 20.78
N TYR A 197 -24.40 5.06 20.57
CA TYR A 197 -23.52 4.52 19.52
C TYR A 197 -22.20 4.28 20.21
N THR A 198 -21.80 3.03 20.23
CA THR A 198 -20.60 2.68 20.88
C THR A 198 -19.71 1.87 19.99
N CYS A 199 -18.46 2.15 20.17
CA CYS A 199 -17.40 1.49 19.41
C CYS A 199 -16.68 0.81 20.54
N GLU A 200 -16.63 -0.53 20.54
CA GLU A 200 -15.97 -1.18 21.63
C GLU A 200 -14.80 -1.99 21.05
N ALA A 201 -13.62 -1.75 21.56
CA ALA A 201 -12.41 -2.44 21.11
C ALA A 201 -11.87 -3.45 22.12
N THR A 202 -11.66 -4.68 21.70
CA THR A 202 -11.06 -5.63 22.58
C THR A 202 -9.65 -5.93 22.04
N HIS A 203 -8.67 -5.78 22.88
CA HIS A 203 -7.28 -5.96 22.51
C HIS A 203 -6.53 -6.59 23.74
N LYS A 204 -5.47 -7.30 23.46
CA LYS A 204 -4.72 -7.94 24.50
C LYS A 204 -4.27 -7.07 25.67
N THR A 205 -4.29 -5.77 25.49
CA THR A 205 -3.78 -4.93 26.52
C THR A 205 -4.77 -4.74 27.66
N SER A 206 -6.05 -5.13 27.48
CA SER A 206 -6.98 -5.04 28.60
C SER A 206 -7.94 -6.19 28.64
N THR A 207 -8.32 -6.59 29.87
CA THR A 207 -9.30 -7.64 29.92
C THR A 207 -10.67 -6.99 29.68
N SER A 208 -10.82 -5.70 29.89
CA SER A 208 -12.12 -5.12 29.61
C SER A 208 -12.15 -4.37 28.26
N PRO A 209 -13.19 -4.59 27.43
CA PRO A 209 -13.25 -3.88 26.12
C PRO A 209 -13.04 -2.40 26.38
N ILE A 210 -12.39 -1.67 25.45
CA ILE A 210 -12.23 -0.18 25.57
C ILE A 210 -13.49 0.38 24.93
N THR A 211 -14.23 1.19 25.68
CA THR A 211 -15.50 1.70 25.13
C THR A 211 -15.53 3.20 24.88
N LYS A 212 -15.91 3.58 23.67
CA LYS A 212 -16.08 4.98 23.35
C LYS A 212 -17.49 5.08 22.84
N SER A 213 -18.26 6.03 23.35
CA SER A 213 -19.60 6.17 22.82
C SER A 213 -20.15 7.57 22.94
N PHE A 214 -21.28 7.81 22.29
CA PHE A 214 -21.92 9.12 22.33
C PHE A 214 -23.39 8.89 22.16
N ASN A 215 -24.16 9.99 22.31
CA ASN A 215 -25.61 9.99 22.13
C ASN A 215 -26.01 10.96 21.08
N ARG A 216 -26.80 10.47 20.14
CA ARG A 216 -27.27 11.28 19.03
C ARG A 216 -28.00 12.50 19.56
N GLY A 217 -28.78 12.27 20.63
CA GLY A 217 -29.55 13.32 21.26
C GLY A 217 -28.71 14.39 21.93
N GLU A 218 -27.40 14.44 21.63
CA GLU A 218 -26.46 15.44 22.20
C GLU A 218 -25.39 16.07 21.29
N GLU B 1 21.78 10.47 -11.57
CA GLU B 1 20.42 10.55 -10.91
C GLU B 1 19.42 9.59 -11.65
N VAL B 2 19.25 8.35 -11.16
CA VAL B 2 18.39 7.40 -11.88
C VAL B 2 16.90 7.47 -11.66
N THR B 3 16.10 7.56 -12.72
CA THR B 3 14.70 7.51 -12.45
C THR B 3 13.97 6.85 -13.66
N LEU B 4 12.84 6.27 -13.29
CA LEU B 4 11.96 5.59 -14.27
C LEU B 4 10.65 6.21 -13.81
N GLN B 5 9.82 6.71 -14.74
CA GLN B 5 8.51 7.34 -14.34
C GLN B 5 7.42 6.77 -15.32
N GLU B 6 6.48 5.98 -14.77
CA GLU B 6 5.40 5.36 -15.56
C GLU B 6 4.29 6.40 -15.73
N SER B 7 3.54 6.32 -16.82
CA SER B 7 2.37 7.15 -16.96
C SER B 7 1.42 6.33 -17.82
N GLY B 8 0.18 6.79 -17.92
CA GLY B 8 -0.78 6.14 -18.78
C GLY B 8 -1.77 5.14 -18.16
N GLY B 9 -1.72 4.96 -16.83
CA GLY B 9 -2.65 3.99 -16.21
C GLY B 9 -3.97 4.60 -15.84
N GLY B 10 -4.68 3.99 -14.93
CA GLY B 10 -5.96 4.50 -14.52
C GLY B 10 -7.03 3.49 -14.91
N LEU B 11 -8.29 3.96 -14.90
CA LEU B 11 -9.43 3.11 -15.14
C LEU B 11 -9.50 2.79 -16.60
N VAL B 12 -9.85 1.54 -16.99
CA VAL B 12 -9.97 1.18 -18.39
C VAL B 12 -11.10 0.19 -18.47
N GLN B 13 -11.84 0.28 -19.55
CA GLN B 13 -12.97 -0.72 -19.80
C GLN B 13 -12.54 -2.23 -20.03
N PRO B 14 -13.23 -3.22 -19.46
CA PRO B 14 -12.88 -4.57 -19.72
C PRO B 14 -13.03 -4.70 -21.25
N GLY B 15 -12.12 -5.49 -21.82
CA GLY B 15 -12.04 -5.62 -23.23
C GLY B 15 -11.54 -4.39 -23.96
N GLY B 16 -11.22 -3.28 -23.26
CA GLY B 16 -10.65 -2.09 -23.90
C GLY B 16 -9.11 -2.11 -24.06
N SER B 17 -8.49 -0.99 -24.39
CA SER B 17 -7.02 -0.92 -24.64
C SER B 17 -6.46 0.18 -23.80
N MET B 18 -5.16 0.12 -23.48
CA MET B 18 -4.53 1.20 -22.71
C MET B 18 -3.01 1.04 -22.93
N LYS B 19 -2.30 2.12 -23.16
CA LYS B 19 -0.85 1.95 -23.38
C LYS B 19 -0.06 2.64 -22.21
N LEU B 20 0.79 1.88 -21.49
CA LEU B 20 1.53 2.52 -20.41
C LEU B 20 2.86 2.94 -21.05
N SER B 21 3.41 4.01 -20.50
CA SER B 21 4.68 4.55 -20.92
C SER B 21 5.60 4.57 -19.68
N CYS B 22 6.86 4.62 -19.95
CA CYS B 22 7.87 4.72 -18.89
C CYS B 22 9.09 5.49 -19.45
N ALA B 23 9.37 6.63 -18.82
CA ALA B 23 10.47 7.49 -19.27
C ALA B 23 11.71 7.31 -18.37
N ALA B 24 12.82 7.01 -19.00
CA ALA B 24 14.02 6.74 -18.22
C ALA B 24 14.97 7.92 -18.21
N SER B 25 15.72 8.06 -17.13
CA SER B 25 16.76 9.05 -17.19
C SER B 25 17.78 8.70 -16.13
N GLY B 26 18.99 9.17 -16.33
CA GLY B 26 20.01 9.00 -15.31
C GLY B 26 20.84 7.74 -15.43
N PHE B 27 20.64 6.97 -16.49
CA PHE B 27 21.42 5.77 -16.73
C PHE B 27 21.41 5.49 -18.23
N THR B 28 22.24 4.57 -18.73
CA THR B 28 22.28 4.42 -20.17
C THR B 28 21.17 3.50 -20.66
N PHE B 29 20.04 4.15 -20.98
CA PHE B 29 18.82 3.38 -21.32
C PHE B 29 19.00 2.49 -22.47
N SER B 30 19.73 2.98 -23.46
CA SER B 30 19.95 2.20 -24.71
C SER B 30 20.71 0.86 -24.46
N ASP B 31 21.47 0.76 -23.37
CA ASP B 31 22.15 -0.55 -23.16
C ASP B 31 21.26 -1.49 -22.32
N ALA B 32 20.33 -0.92 -21.58
CA ALA B 32 19.48 -1.73 -20.65
C ALA B 32 18.46 -2.64 -21.31
N TRP B 33 18.11 -3.75 -20.64
CA TRP B 33 17.01 -4.64 -21.12
C TRP B 33 15.92 -4.11 -20.13
N VAL B 34 14.70 -3.92 -20.63
CA VAL B 34 13.69 -3.23 -19.82
C VAL B 34 12.43 -4.07 -19.68
N ASP B 35 11.83 -4.07 -18.46
CA ASP B 35 10.74 -5.00 -18.20
C ASP B 35 9.54 -4.31 -17.50
N TRP B 36 8.40 -5.00 -17.58
CA TRP B 36 7.23 -4.57 -16.80
C TRP B 36 6.98 -5.71 -15.80
N VAL B 37 6.70 -5.34 -14.53
CA VAL B 37 6.30 -6.32 -13.47
C VAL B 37 4.98 -5.68 -12.91
N ARG B 38 4.02 -6.50 -12.54
CA ARG B 38 2.83 -5.93 -11.94
C ARG B 38 2.62 -6.65 -10.62
N GLN B 39 1.82 -6.01 -9.79
CA GLN B 39 1.53 -6.57 -8.52
C GLN B 39 0.02 -6.69 -8.33
N SER B 40 -0.44 -7.84 -7.83
CA SER B 40 -1.91 -7.98 -7.49
C SER B 40 -2.08 -8.77 -6.22
N PRO B 41 -3.29 -8.65 -5.58
CA PRO B 41 -3.44 -9.43 -4.35
C PRO B 41 -3.72 -10.80 -5.01
N GLY B 42 -3.09 -11.87 -4.56
CA GLY B 42 -3.44 -13.09 -5.28
C GLY B 42 -2.21 -13.69 -5.94
N LYS B 43 -1.35 -12.81 -6.47
CA LYS B 43 -0.09 -13.30 -7.02
C LYS B 43 1.12 -12.60 -6.50
N GLY B 44 0.94 -11.43 -5.90
CA GLY B 44 2.13 -10.77 -5.37
C GLY B 44 2.75 -10.22 -6.65
N LEU B 45 4.09 -10.20 -6.69
CA LEU B 45 4.73 -9.61 -7.84
C LEU B 45 4.73 -10.59 -8.98
N GLU B 46 4.39 -10.08 -10.14
CA GLU B 46 4.35 -10.93 -11.33
C GLU B 46 5.01 -10.29 -12.55
N TRP B 47 5.98 -11.00 -13.12
CA TRP B 47 6.72 -10.47 -14.32
C TRP B 47 5.81 -10.48 -15.50
N VAL B 48 5.84 -9.40 -16.30
CA VAL B 48 4.92 -9.31 -17.44
C VAL B 48 5.58 -9.46 -18.79
N ALA B 49 6.52 -8.63 -19.03
CA ALA B 49 7.13 -8.68 -20.34
C ALA B 49 8.56 -8.00 -20.28
N GLU B 50 9.36 -8.28 -21.33
CA GLU B 50 10.65 -7.67 -21.41
C GLU B 50 10.99 -7.37 -22.92
N ILE B 51 11.68 -6.25 -23.14
CA ILE B 51 12.24 -5.98 -24.45
C ILE B 51 13.77 -5.77 -24.29
N ARG B 52 14.54 -6.48 -25.11
CA ARG B 52 15.99 -6.36 -25.01
C ARG B 52 16.50 -5.14 -25.74
N ASN B 53 17.81 -4.92 -25.64
CA ASN B 53 18.41 -3.76 -26.26
C ASN B 53 18.66 -4.03 -27.76
N LYS B 54 19.12 -3.00 -28.46
CA LYS B 54 19.29 -3.14 -29.93
C LYS B 54 20.29 -4.22 -30.34
N ALA B 55 21.31 -4.32 -29.52
CA ALA B 55 22.38 -5.31 -29.74
C ALA B 55 21.88 -6.68 -29.67
N ASN B 56 20.78 -6.84 -28.90
CA ASN B 56 20.16 -8.16 -28.78
C ASN B 56 18.83 -8.23 -29.61
N ASN B 57 18.85 -7.48 -30.70
CA ASN B 57 17.74 -7.51 -31.70
C ASN B 57 16.40 -7.04 -31.09
N HIS B 58 16.40 -6.20 -30.05
CA HIS B 58 15.09 -5.74 -29.41
C HIS B 58 14.12 -6.90 -29.18
N ALA B 59 14.62 -8.09 -28.85
CA ALA B 59 13.71 -9.24 -28.79
C ALA B 59 12.74 -9.03 -27.64
N THR B 60 11.55 -9.64 -27.77
CA THR B 60 10.54 -9.47 -26.66
C THR B 60 10.23 -10.81 -26.07
N LYS B 61 9.81 -10.83 -24.80
CA LYS B 61 9.40 -12.10 -24.23
C LYS B 61 8.19 -11.63 -23.34
N TYR B 62 7.22 -12.52 -23.21
CA TYR B 62 5.95 -12.22 -22.42
C TYR B 62 5.56 -13.38 -21.53
N THR B 63 4.84 -13.09 -20.41
CA THR B 63 4.39 -14.13 -19.60
C THR B 63 3.17 -14.74 -20.38
N GLU B 64 2.97 -16.04 -20.19
CA GLU B 64 1.86 -16.76 -20.91
C GLU B 64 0.49 -16.08 -20.92
N SER B 65 0.04 -15.60 -19.77
CA SER B 65 -1.30 -15.02 -19.66
C SER B 65 -1.50 -13.66 -20.41
N VAL B 66 -0.45 -13.01 -20.92
CA VAL B 66 -0.66 -11.78 -21.68
C VAL B 66 -0.16 -11.86 -23.10
N LYS B 67 0.39 -13.00 -23.44
CA LYS B 67 0.91 -13.16 -24.82
C LYS B 67 -0.22 -13.05 -25.79
N GLY B 68 0.02 -12.25 -26.79
CA GLY B 68 -0.92 -12.02 -27.86
C GLY B 68 -1.82 -10.83 -27.58
N ARG B 69 -1.89 -10.44 -26.30
CA ARG B 69 -2.75 -9.33 -25.93
C ARG B 69 -1.96 -8.06 -25.65
N PHE B 70 -0.76 -8.23 -25.08
CA PHE B 70 0.09 -7.07 -24.73
C PHE B 70 1.31 -7.07 -25.66
N THR B 71 1.79 -5.88 -25.96
CA THR B 71 2.96 -5.67 -26.77
C THR B 71 3.90 -4.70 -26.08
N ILE B 72 5.15 -5.15 -25.86
CA ILE B 72 6.09 -4.22 -25.28
C ILE B 72 6.97 -3.59 -26.35
N SER B 73 7.36 -2.32 -26.22
CA SER B 73 8.16 -1.69 -27.31
C SER B 73 9.04 -0.62 -26.64
N ARG B 74 10.00 -0.07 -27.40
CA ARG B 74 10.88 0.93 -26.83
C ARG B 74 11.27 1.93 -27.90
N ASP B 75 11.59 3.12 -27.45
CA ASP B 75 12.02 4.17 -28.33
C ASP B 75 13.29 4.74 -27.66
N ASP B 76 14.43 4.28 -28.14
CA ASP B 76 15.70 4.66 -27.49
C ASP B 76 15.93 6.18 -27.66
N SER B 77 15.41 6.77 -28.75
CA SER B 77 15.64 8.19 -28.90
C SER B 77 14.89 8.95 -27.88
N LYS B 78 13.82 8.42 -27.30
CA LYS B 78 13.16 9.17 -26.20
C LYS B 78 13.48 8.50 -24.81
N SER B 79 14.38 7.52 -24.81
CA SER B 79 14.70 6.75 -23.57
C SER B 79 13.42 6.26 -22.89
N SER B 80 12.51 5.62 -23.64
CA SER B 80 11.25 5.20 -23.12
C SER B 80 10.88 3.79 -23.53
N VAL B 81 10.09 3.14 -22.67
CA VAL B 81 9.60 1.77 -23.01
C VAL B 81 8.08 1.88 -22.83
N TYR B 82 7.32 1.05 -23.57
CA TYR B 82 5.84 1.15 -23.49
C TYR B 82 5.24 -0.26 -23.31
N LEU B 83 4.00 -0.30 -22.80
CA LEU B 83 3.32 -1.61 -22.73
C LEU B 83 1.92 -1.32 -23.29
N GLN B 84 1.68 -1.81 -24.48
CA GLN B 84 0.38 -1.59 -25.12
C GLN B 84 -0.47 -2.78 -24.69
N MET B 85 -1.58 -2.50 -24.01
CA MET B 85 -2.39 -3.61 -23.44
C MET B 85 -3.74 -3.65 -24.17
N ASN B 86 -4.08 -4.84 -24.71
CA ASN B 86 -5.35 -4.96 -25.46
C ASN B 86 -6.19 -6.00 -24.81
N SER B 87 -7.47 -6.04 -25.12
CA SER B 87 -8.32 -7.10 -24.56
C SER B 87 -8.14 -7.28 -23.05
N LEU B 88 -8.26 -6.15 -22.38
CA LEU B 88 -7.97 -6.09 -20.92
C LEU B 88 -9.01 -6.89 -20.13
N ARG B 89 -8.61 -7.56 -19.08
CA ARG B 89 -9.43 -8.45 -18.28
C ARG B 89 -9.34 -7.97 -16.84
N ALA B 90 -10.27 -8.45 -16.01
CA ALA B 90 -10.19 -8.06 -14.59
C ALA B 90 -8.88 -8.56 -14.00
N GLU B 91 -8.35 -9.70 -14.47
CA GLU B 91 -7.08 -10.22 -13.92
C GLU B 91 -5.87 -9.29 -14.25
N ASP B 92 -6.07 -8.30 -15.08
CA ASP B 92 -4.97 -7.42 -15.46
C ASP B 92 -4.94 -6.24 -14.50
N THR B 93 -5.90 -6.17 -13.58
CA THR B 93 -5.94 -5.03 -12.67
C THR B 93 -4.68 -5.18 -11.74
N GLY B 94 -4.02 -4.07 -11.51
CA GLY B 94 -2.89 -4.10 -10.55
C GLY B 94 -2.01 -2.88 -10.73
N ILE B 95 -0.95 -2.80 -9.90
CA ILE B 95 -0.02 -1.69 -10.09
C ILE B 95 1.04 -2.21 -11.07
N TYR B 96 1.38 -1.42 -12.08
CA TYR B 96 2.39 -1.84 -13.06
C TYR B 96 3.63 -1.03 -12.85
N TYR B 97 4.80 -1.69 -12.79
CA TYR B 97 6.06 -1.00 -12.58
C TYR B 97 6.94 -1.26 -13.85
N CYS B 98 7.66 -0.21 -14.26
CA CYS B 98 8.64 -0.19 -15.28
C CYS B 98 9.97 -0.53 -14.42
N THR B 99 10.82 -1.46 -14.89
CA THR B 99 12.09 -1.71 -14.18
C THR B 99 13.14 -2.14 -15.26
N SER B 100 14.41 -1.91 -14.99
CA SER B 100 15.42 -2.21 -16.01
C SER B 100 16.61 -2.99 -15.38
N VAL B 101 17.32 -3.73 -16.25
CA VAL B 101 18.50 -4.53 -15.92
C VAL B 101 19.46 -3.66 -16.80
N PRO B 102 20.21 -2.75 -16.13
CA PRO B 102 21.11 -1.86 -16.84
C PRO B 102 22.30 -2.51 -17.42
N GLN B 103 22.73 -3.64 -16.87
CA GLN B 103 23.97 -4.25 -17.41
C GLN B 103 23.90 -5.68 -17.00
N LEU B 104 24.69 -6.50 -17.64
CA LEU B 104 24.59 -7.90 -17.40
C LEU B 104 24.79 -8.29 -15.92
N GLY B 105 23.86 -9.11 -15.38
CA GLY B 105 23.95 -9.63 -13.99
C GLY B 105 23.50 -8.69 -12.86
N ARG B 106 22.96 -7.56 -13.20
CA ARG B 106 22.57 -6.51 -12.28
C ARG B 106 21.21 -6.69 -11.68
N GLY B 107 20.42 -7.61 -12.25
CA GLY B 107 19.05 -7.75 -11.71
C GLY B 107 18.18 -6.50 -12.03
N PHE B 108 16.94 -6.49 -11.47
CA PHE B 108 16.08 -5.35 -11.72
C PHE B 108 16.57 -4.24 -10.78
N ALA B 109 17.48 -3.46 -11.28
CA ALA B 109 18.14 -2.49 -10.44
C ALA B 109 17.42 -1.20 -10.17
N TYR B 110 16.66 -0.72 -11.17
CA TYR B 110 15.95 0.55 -11.04
C TYR B 110 14.48 0.26 -11.28
N TRP B 111 13.59 0.87 -10.45
CA TRP B 111 12.20 0.62 -10.66
C TRP B 111 11.48 1.96 -10.71
N GLY B 112 10.44 2.05 -11.50
CA GLY B 112 9.62 3.27 -11.43
C GLY B 112 8.70 3.35 -10.20
N GLN B 113 7.87 4.37 -10.10
CA GLN B 113 6.98 4.50 -8.95
C GLN B 113 5.70 3.62 -8.97
N GLY B 114 5.34 3.13 -10.16
CA GLY B 114 4.19 2.29 -10.32
C GLY B 114 2.98 3.08 -10.82
N THR B 115 2.12 2.41 -11.60
CA THR B 115 0.89 3.13 -12.09
C THR B 115 -0.26 2.12 -11.92
N LEU B 116 -1.34 2.55 -11.24
CA LEU B 116 -2.43 1.63 -11.00
C LEU B 116 -3.32 1.49 -12.24
N VAL B 117 -3.54 0.26 -12.63
CA VAL B 117 -4.48 0.01 -13.79
C VAL B 117 -5.69 -0.68 -13.17
N THR B 118 -6.90 -0.12 -13.37
CA THR B 118 -8.12 -0.72 -12.84
C THR B 118 -9.02 -1.03 -14.02
N VAL B 119 -9.31 -2.31 -14.20
CA VAL B 119 -10.06 -2.76 -15.37
C VAL B 119 -11.49 -2.96 -14.78
N SER B 120 -12.34 -2.00 -15.11
CA SER B 120 -13.67 -2.01 -14.58
C SER B 120 -14.61 -1.19 -15.50
N ALA B 121 -15.84 -1.68 -15.62
CA ALA B 121 -16.84 -0.91 -16.38
C ALA B 121 -17.45 0.15 -15.49
N ALA B 122 -17.14 0.22 -14.20
CA ALA B 122 -17.78 1.28 -13.37
C ALA B 122 -17.24 2.67 -13.79
N SER B 123 -17.96 3.76 -13.51
CA SER B 123 -17.39 5.01 -14.00
C SER B 123 -16.72 5.91 -12.93
N THR B 124 -15.96 6.83 -13.42
CA THR B 124 -15.26 7.74 -12.50
C THR B 124 -16.23 8.58 -11.70
N THR B 125 -16.02 8.68 -10.40
CA THR B 125 -16.92 9.47 -9.55
C THR B 125 -16.12 10.23 -8.50
N PRO B 126 -16.39 11.53 -8.32
CA PRO B 126 -15.65 12.30 -7.34
C PRO B 126 -16.01 11.94 -5.91
N PRO B 127 -15.12 12.28 -4.97
CA PRO B 127 -15.35 12.01 -3.55
C PRO B 127 -16.11 13.23 -2.90
N SER B 128 -16.79 12.94 -1.80
CA SER B 128 -17.31 13.98 -0.88
C SER B 128 -16.38 13.84 0.30
N VAL B 129 -16.10 14.95 1.01
CA VAL B 129 -15.12 15.02 2.11
C VAL B 129 -15.81 15.61 3.30
N TYR B 130 -15.76 14.89 4.41
CA TYR B 130 -16.46 15.28 5.64
C TYR B 130 -15.50 15.34 6.81
N PRO B 131 -15.40 16.55 7.46
CA PRO B 131 -14.49 16.67 8.65
C PRO B 131 -14.96 15.84 9.77
N LEU B 132 -14.00 15.29 10.52
CA LEU B 132 -14.37 14.53 11.69
C LEU B 132 -13.77 15.21 12.89
N ALA B 133 -14.60 15.86 13.67
CA ALA B 133 -14.11 16.60 14.87
C ALA B 133 -14.65 15.92 16.14
N PRO B 134 -13.86 15.98 17.22
CA PRO B 134 -14.18 15.38 18.56
C PRO B 134 -15.51 15.83 19.07
N GLY B 135 -16.21 14.96 19.76
CA GLY B 135 -17.49 15.36 20.34
C GLY B 135 -17.45 16.25 21.60
N SER B 136 -16.52 15.93 22.54
CA SER B 136 -16.33 16.66 23.85
C SER B 136 -15.18 17.73 23.90
N GLY B 137 -14.88 18.21 25.12
CA GLY B 137 -13.83 19.19 25.33
C GLY B 137 -12.50 18.45 25.43
N GLY B 138 -11.43 19.02 24.86
CA GLY B 138 -10.12 18.35 24.88
C GLY B 138 -9.41 18.59 26.20
N ALA B 139 -9.04 17.47 26.87
CA ALA B 139 -8.32 17.40 28.19
C ALA B 139 -9.12 16.67 29.31
N GLY B 143 -6.53 13.99 26.31
CA GLY B 143 -6.42 15.30 26.97
C GLY B 143 -5.32 16.11 26.29
N SER B 144 -4.11 15.71 26.51
CA SER B 144 -2.92 16.31 25.95
C SER B 144 -2.87 16.31 24.44
N MET B 145 -3.39 15.22 23.81
CA MET B 145 -3.33 15.13 22.34
C MET B 145 -4.77 14.98 21.89
N VAL B 146 -5.11 15.48 20.68
CA VAL B 146 -6.52 15.32 20.22
C VAL B 146 -6.44 14.65 18.81
N THR B 147 -7.36 13.77 18.53
CA THR B 147 -7.38 13.19 17.18
C THR B 147 -8.58 13.75 16.40
N LEU B 148 -8.28 14.16 15.15
CA LEU B 148 -9.24 14.71 14.23
C LEU B 148 -9.21 13.70 13.03
N GLY B 149 -10.16 13.90 12.14
CA GLY B 149 -10.12 13.03 10.93
C GLY B 149 -10.82 13.61 9.73
N CYS B 150 -10.71 12.97 8.54
CA CYS B 150 -11.49 13.41 7.38
C CYS B 150 -12.01 12.06 6.81
N LEU B 151 -13.30 12.07 6.53
CA LEU B 151 -14.00 10.92 5.86
C LEU B 151 -14.04 11.24 4.37
N VAL B 152 -13.57 10.36 3.50
CA VAL B 152 -13.54 10.68 2.04
C VAL B 152 -14.42 9.54 1.46
N LYS B 153 -15.59 9.86 0.92
CA LYS B 153 -16.45 8.73 0.46
C LYS B 153 -17.13 8.96 -0.81
N GLY B 154 -17.51 7.85 -1.45
CA GLY B 154 -18.21 7.94 -2.71
C GLY B 154 -17.39 8.11 -3.96
N TYR B 155 -16.10 7.80 -3.94
CA TYR B 155 -15.34 8.08 -5.16
C TYR B 155 -14.99 6.75 -5.87
N PHE B 156 -14.60 6.94 -7.10
CA PHE B 156 -14.10 5.80 -7.94
C PHE B 156 -13.37 6.29 -9.12
N PRO B 157 -12.26 5.66 -9.50
CA PRO B 157 -11.57 4.50 -8.92
C PRO B 157 -10.58 5.05 -7.86
N GLU B 158 -9.71 4.18 -7.34
CA GLU B 158 -8.66 4.63 -6.49
C GLU B 158 -7.63 5.23 -7.42
N PRO B 159 -6.70 6.03 -6.91
CA PRO B 159 -6.46 6.44 -5.52
C PRO B 159 -6.90 7.89 -5.25
N VAL B 160 -6.92 8.25 -3.98
CA VAL B 160 -7.16 9.69 -3.63
C VAL B 160 -5.87 9.94 -2.81
N THR B 161 -5.44 11.19 -2.76
CA THR B 161 -4.23 11.60 -1.95
C THR B 161 -4.85 12.46 -0.81
N VAL B 162 -4.41 12.28 0.43
CA VAL B 162 -4.92 13.11 1.48
C VAL B 162 -3.69 13.71 2.18
N THR B 163 -3.70 15.03 2.42
CA THR B 163 -2.62 15.62 3.21
C THR B 163 -3.33 16.44 4.26
N TRP B 164 -2.56 16.93 5.25
CA TRP B 164 -3.12 17.71 6.31
C TRP B 164 -2.27 19.02 6.33
N ASN B 165 -2.93 20.18 6.24
CA ASN B 165 -2.23 21.52 6.21
C ASN B 165 -1.17 21.54 5.09
N SER B 166 -1.67 20.99 3.99
CA SER B 166 -0.89 20.89 2.76
C SER B 166 0.43 20.13 2.95
N GLY B 167 0.52 19.22 3.94
CA GLY B 167 1.75 18.51 4.12
C GLY B 167 2.53 18.95 5.32
N ALA B 168 2.19 20.10 5.88
CA ALA B 168 2.90 20.64 7.05
C ALA B 168 2.66 19.69 8.25
N LEU B 169 1.47 19.02 8.30
CA LEU B 169 1.31 18.00 9.38
C LEU B 169 1.43 16.63 8.76
N SER B 170 2.44 15.82 9.12
CA SER B 170 2.52 14.47 8.56
C SER B 170 2.91 13.43 9.61
N SER B 171 3.66 13.86 10.64
CA SER B 171 4.09 12.86 11.60
C SER B 171 2.97 12.13 12.43
N GLY B 172 1.85 12.78 12.71
CA GLY B 172 0.79 12.15 13.52
C GLY B 172 -0.41 11.76 12.61
N VAL B 173 -0.15 11.45 11.37
CA VAL B 173 -1.24 11.13 10.38
C VAL B 173 -1.24 9.64 10.09
N HIS B 174 -2.44 9.07 9.97
CA HIS B 174 -2.63 7.66 9.47
C HIS B 174 -3.75 7.83 8.40
N THR B 175 -3.40 7.54 7.16
CA THR B 175 -4.42 7.58 6.09
C THR B 175 -4.62 6.02 5.83
N PHE B 176 -5.85 5.55 6.07
CA PHE B 176 -6.09 4.13 5.98
C PHE B 176 -6.46 3.69 4.57
N PRO B 177 -6.29 2.39 4.28
CA PRO B 177 -6.71 1.88 2.95
C PRO B 177 -8.20 2.09 2.78
N ALA B 178 -8.62 2.37 1.54
CA ALA B 178 -10.05 2.61 1.32
C ALA B 178 -10.79 1.23 1.32
N VAL B 179 -12.12 1.29 1.51
CA VAL B 179 -12.95 0.08 1.58
C VAL B 179 -13.91 0.30 0.47
N LEU B 180 -14.21 -0.76 -0.29
CA LEU B 180 -15.18 -0.59 -1.37
C LEU B 180 -16.51 -1.31 -1.02
N GLN B 181 -17.62 -0.65 -1.24
CA GLN B 181 -18.97 -1.35 -1.12
C GLN B 181 -19.97 -0.49 -1.92
N SER B 182 -21.29 -0.64 -1.70
CA SER B 182 -22.38 0.00 -2.47
C SER B 182 -22.14 1.51 -2.71
N ASP B 183 -21.54 2.19 -1.73
CA ASP B 183 -21.30 3.64 -1.90
C ASP B 183 -20.04 3.97 -2.60
N LEU B 184 -19.39 2.96 -3.14
CA LEU B 184 -18.18 3.07 -3.84
C LEU B 184 -16.97 3.03 -2.81
N TYR B 185 -15.92 3.77 -3.05
CA TYR B 185 -14.81 3.75 -2.06
C TYR B 185 -15.09 4.69 -0.85
N THR B 186 -14.63 4.32 0.32
CA THR B 186 -14.81 5.09 1.57
C THR B 186 -13.48 4.97 2.27
N LEU B 187 -12.84 6.08 2.61
CA LEU B 187 -11.51 6.04 3.24
C LEU B 187 -11.54 7.05 4.37
N SER B 188 -10.76 6.79 5.42
CA SER B 188 -10.62 7.72 6.57
C SER B 188 -9.15 8.08 6.66
N SER B 189 -8.89 9.30 7.14
CA SER B 189 -7.51 9.72 7.45
C SER B 189 -7.60 10.38 8.79
N SER B 190 -6.70 10.02 9.70
CA SER B 190 -6.77 10.67 11.02
C SER B 190 -5.46 11.46 11.25
N VAL B 191 -5.52 12.50 12.12
CA VAL B 191 -4.31 13.27 12.45
C VAL B 191 -4.39 13.57 13.91
N THR B 192 -3.27 13.38 14.62
CA THR B 192 -3.23 13.61 16.07
C THR B 192 -2.25 14.71 16.32
N VAL B 193 -2.72 15.75 17.04
CA VAL B 193 -1.88 16.89 17.33
C VAL B 193 -2.12 17.29 18.77
N PRO B 194 -1.24 18.11 19.31
CA PRO B 194 -1.44 18.56 20.70
C PRO B 194 -2.76 19.32 20.85
N SER B 195 -3.36 19.32 22.02
CA SER B 195 -4.54 20.11 22.28
C SER B 195 -4.19 21.63 22.20
N SER B 196 -2.90 21.95 22.24
CA SER B 196 -2.41 23.31 22.16
C SER B 196 -2.30 23.75 20.70
N THR B 197 -2.43 22.78 19.79
CA THR B 197 -2.41 23.15 18.37
C THR B 197 -3.76 23.39 17.82
N TRP B 198 -4.66 22.43 18.05
CA TRP B 198 -6.06 22.56 17.58
C TRP B 198 -7.01 22.70 18.80
N PRO B 199 -8.07 23.51 18.72
CA PRO B 199 -8.58 24.36 17.59
C PRO B 199 -7.99 25.72 17.42
N SER B 200 -6.96 26.09 18.25
CA SER B 200 -6.34 27.42 18.03
C SER B 200 -5.82 27.58 16.61
N GLN B 201 -5.12 26.58 16.07
CA GLN B 201 -4.63 26.67 14.69
C GLN B 201 -5.57 25.91 13.74
N THR B 202 -5.65 26.44 12.53
CA THR B 202 -6.46 25.80 11.47
C THR B 202 -5.84 24.47 11.09
N VAL B 203 -6.68 23.44 11.08
CA VAL B 203 -6.22 22.10 10.63
C VAL B 203 -7.21 21.78 9.51
N THR B 204 -6.65 21.62 8.32
CA THR B 204 -7.48 21.35 7.14
C THR B 204 -7.04 20.04 6.47
N CYS B 205 -7.99 19.23 5.96
CA CYS B 205 -7.46 18.07 5.23
C CYS B 205 -7.63 18.43 3.76
N ASN B 206 -6.63 18.11 2.95
CA ASN B 206 -6.67 18.41 1.54
C ASN B 206 -6.80 17.08 0.83
N VAL B 207 -7.85 16.93 0.03
CA VAL B 207 -8.04 15.68 -0.67
C VAL B 207 -7.95 15.92 -2.15
N ALA B 208 -7.20 15.07 -2.87
CA ALA B 208 -7.23 15.17 -4.32
C ALA B 208 -7.64 13.80 -4.87
N HIS B 209 -8.35 13.79 -6.01
CA HIS B 209 -8.76 12.52 -6.67
C HIS B 209 -8.40 12.80 -8.16
N PRO B 210 -7.18 12.45 -8.56
CA PRO B 210 -6.65 12.71 -9.93
C PRO B 210 -7.58 12.17 -11.02
N ALA B 211 -8.27 11.04 -10.79
CA ALA B 211 -9.19 10.48 -11.81
C ALA B 211 -10.26 11.46 -12.25
N SER B 212 -10.80 12.20 -11.31
CA SER B 212 -11.87 13.19 -11.62
C SER B 212 -11.42 14.60 -11.57
N SER B 213 -10.14 14.82 -11.32
CA SER B 213 -9.57 16.15 -11.15
C SER B 213 -10.29 16.94 -10.05
N THR B 214 -10.75 16.22 -9.04
CA THR B 214 -11.36 16.86 -7.89
C THR B 214 -10.29 17.22 -6.89
N GLN B 215 -10.41 18.41 -6.32
CA GLN B 215 -9.60 18.82 -5.15
C GLN B 215 -10.59 19.43 -4.13
N VAL B 216 -10.42 19.05 -2.86
CA VAL B 216 -11.34 19.61 -1.84
C VAL B 216 -10.47 19.86 -0.57
N ASP B 217 -10.68 21.01 0.03
CA ASP B 217 -10.00 21.36 1.30
C ASP B 217 -11.15 21.52 2.28
N LYS B 218 -11.10 20.80 3.38
CA LYS B 218 -12.13 20.90 4.49
C LYS B 218 -11.49 21.20 5.80
N LYS B 219 -11.99 22.25 6.47
CA LYS B 219 -11.32 22.64 7.76
C LYS B 219 -12.03 21.87 8.83
N ILE B 220 -11.26 21.41 9.85
CA ILE B 220 -11.85 20.64 10.92
C ILE B 220 -12.29 21.68 11.96
N VAL B 221 -13.58 21.79 12.24
CA VAL B 221 -14.02 22.84 13.19
C VAL B 221 -14.70 22.19 14.41
N PRO B 222 -14.52 22.75 15.61
CA PRO B 222 -15.15 22.17 16.78
C PRO B 222 -16.64 22.08 16.60
N LYS B 223 -17.22 20.94 17.00
CA LYS B 223 -18.65 20.76 16.88
C LYS B 223 -19.39 21.12 18.17
C1 BCG C . 19.29 -12.84 -17.23
C2 BCG C . 19.88 -11.45 -17.61
C3 BCG C . 19.86 -11.33 -19.17
C4 BCG C . 20.37 -12.50 -19.91
C5 BCG C . 19.70 -13.85 -19.32
C6 BCG C . 18.17 -13.76 -19.25
C7 BCG C . 17.86 -13.07 -17.80
C8 BCG C . 20.20 -8.91 -19.23
C9 BCG C . 21.12 -7.89 -19.78
C10 BCG C . 22.23 -8.26 -20.61
C11 BCG C . 23.07 -7.19 -21.15
C12 BCG C . 22.77 -5.85 -20.84
C13 BCG C . 21.67 -5.51 -19.99
C14 BCG C . 20.87 -6.55 -19.48
C15 BCG C . 21.27 -11.18 -17.02
C16 BCG C . 20.00 -15.28 -17.20
N1 BCG C . 20.18 -13.93 -17.90
O1 BCG C . 20.53 -10.12 -19.59
O2 BCG C . 19.21 -8.61 -18.58
O3 BCG C . 21.62 -10.24 -16.38
O4 BCG C . 22.06 -12.15 -17.33
#